data_8UDI
#
_entry.id   8UDI
#
_cell.length_a   62.317
_cell.length_b   81.969
_cell.length_c   113.937
_cell.angle_alpha   90.000
_cell.angle_beta   90.000
_cell.angle_gamma   90.000
#
_symmetry.space_group_name_H-M   'P 21 21 21'
#
loop_
_entity.id
_entity.type
_entity.pdbx_description
1 polymer 'Glutamate racemase'
2 non-polymer 'D-GLUTAMIC ACID'
3 non-polymer N-{[(3S)-2-(3-fluoropyrazin-2-yl)-1,2,3,4-tetrahydroisoquinolin-3-yl]methyl}-1H-indazole-4-carboxamide
4 non-polymer 'CHLORIDE ION'
5 water water
#
_entity_poly.entity_id   1
_entity_poly.type   'polypeptide(L)'
_entity_poly.pdbx_seq_one_letter_code
;MKIGVFDSGVGGFSVLKSLLKARLFDEIIYYGDSARVPYGTKDPTTIKQFGLEALDFFKPHEIELLIVACNTASALALEE
MQKYSKIPIVGVIEPSILAIKRQVEDKNAPILVLGTKATIQSNAYDNALKQQGYLNISHLATSLFVPLIEESILEGELLE
TCMHYYFTPLEILPEVIILGCTHFPLIAQKIEGYFMGHFALPTPPLLIHSGDAIVEYLQQKYALKNNACTFPKVEFHASG
DVIWLERQAKEWLK
;
_entity_poly.pdbx_strand_id   A,B
#
# COMPACT_ATOMS: atom_id res chain seq x y z
N MET A 1 21.23 -24.27 -14.96
CA MET A 1 21.21 -23.16 -14.00
C MET A 1 19.82 -22.75 -13.50
N LYS A 2 19.68 -22.66 -12.17
CA LYS A 2 18.40 -22.41 -11.50
C LYS A 2 18.60 -21.30 -10.48
N ILE A 3 17.87 -20.19 -10.67
CA ILE A 3 17.95 -19.04 -9.79
C ILE A 3 16.56 -18.74 -9.22
N GLY A 4 16.55 -17.96 -8.13
CA GLY A 4 15.34 -17.38 -7.59
C GLY A 4 15.30 -15.88 -7.79
N VAL A 5 14.10 -15.32 -7.88
CA VAL A 5 13.88 -13.87 -7.95
C VAL A 5 12.98 -13.49 -6.78
N PHE A 6 13.45 -12.58 -5.93
CA PHE A 6 12.67 -12.13 -4.77
C PHE A 6 12.17 -10.71 -4.98
N ASP A 7 10.90 -10.48 -4.68
CA ASP A 7 10.34 -9.14 -4.73
C ASP A 7 9.25 -9.00 -3.65
N SER A 8 8.93 -7.75 -3.32
CA SER A 8 7.90 -7.50 -2.32
C SER A 8 6.54 -8.03 -2.79
N GLY A 9 6.30 -8.05 -4.10
CA GLY A 9 5.04 -8.52 -4.65
C GLY A 9 5.12 -8.80 -6.14
N VAL A 10 4.39 -8.00 -6.94
CA VAL A 10 4.31 -8.24 -8.38
C VAL A 10 5.15 -7.27 -9.20
N GLY A 11 5.65 -6.18 -8.60
CA GLY A 11 6.48 -5.26 -9.35
C GLY A 11 7.73 -5.93 -9.87
N GLY A 12 8.16 -7.02 -9.22
CA GLY A 12 9.33 -7.74 -9.69
C GLY A 12 9.21 -8.28 -11.10
N PHE A 13 7.99 -8.36 -11.62
CA PHE A 13 7.80 -8.87 -12.96
C PHE A 13 8.48 -7.99 -14.02
N SER A 14 8.73 -6.72 -13.72
CA SER A 14 9.45 -5.89 -14.67
C SER A 14 10.91 -6.29 -14.76
N VAL A 15 11.47 -6.81 -13.67
CA VAL A 15 12.80 -7.41 -13.73
C VAL A 15 12.72 -8.82 -14.32
N LEU A 16 11.71 -9.60 -13.91
CA LEU A 16 11.54 -10.93 -14.48
C LEU A 16 11.41 -10.87 -15.99
N LYS A 17 10.72 -9.85 -16.51
CA LYS A 17 10.56 -9.73 -17.96
C LYS A 17 11.91 -9.62 -18.66
N SER A 18 12.79 -8.72 -18.19
CA SER A 18 14.10 -8.57 -18.79
C SER A 18 14.92 -9.85 -18.66
N LEU A 19 14.86 -10.51 -17.51
CA LEU A 19 15.59 -11.77 -17.34
C LEU A 19 15.11 -12.82 -18.34
N LEU A 20 13.81 -12.85 -18.61
CA LEU A 20 13.29 -13.88 -19.51
C LEU A 20 13.76 -13.63 -20.94
N LYS A 21 13.69 -12.38 -21.40
CA LYS A 21 14.10 -12.03 -22.76
C LYS A 21 15.60 -12.14 -22.99
N ALA A 22 16.39 -12.28 -21.94
CA ALA A 22 17.82 -12.51 -22.07
C ALA A 22 18.17 -13.99 -22.01
N ARG A 23 17.20 -14.85 -21.69
CA ARG A 23 17.36 -16.29 -21.61
C ARG A 23 18.76 -16.66 -21.14
N LEU A 24 19.11 -16.26 -19.92
CA LEU A 24 20.40 -16.61 -19.36
C LEU A 24 20.32 -17.76 -18.38
N PHE A 25 19.12 -18.16 -17.97
CA PHE A 25 18.93 -19.20 -16.97
C PHE A 25 17.93 -20.23 -17.47
N ASP A 26 18.00 -21.42 -16.88
CA ASP A 26 17.07 -22.49 -17.22
C ASP A 26 15.83 -22.48 -16.33
N GLU A 27 16.00 -22.23 -15.04
CA GLU A 27 14.93 -22.34 -14.06
C GLU A 27 14.95 -21.09 -13.19
N ILE A 28 13.78 -20.45 -13.01
CA ILE A 28 13.61 -19.25 -12.19
C ILE A 28 12.50 -19.50 -11.19
N ILE A 29 12.83 -19.40 -9.90
CA ILE A 29 11.87 -19.50 -8.82
C ILE A 29 11.54 -18.08 -8.37
N TYR A 30 10.35 -17.60 -8.76
CA TYR A 30 9.90 -16.26 -8.35
C TYR A 30 9.10 -16.33 -7.06
N TYR A 31 9.48 -15.50 -6.10
CA TYR A 31 8.75 -15.37 -4.84
C TYR A 31 8.43 -13.90 -4.60
N GLY A 32 7.14 -13.58 -4.50
CA GLY A 32 6.67 -12.25 -4.16
C GLY A 32 5.96 -12.26 -2.82
N ASP A 33 6.38 -11.34 -1.94
CA ASP A 33 5.84 -11.28 -0.58
C ASP A 33 4.52 -10.51 -0.59
N SER A 34 3.56 -10.92 -1.44
CA SER A 34 2.34 -10.15 -1.68
C SER A 34 1.46 -10.00 -0.44
N ALA A 35 1.62 -10.86 0.56
CA ALA A 35 0.84 -10.64 1.77
C ALA A 35 1.27 -9.40 2.54
N ARG A 36 2.51 -8.94 2.37
CA ARG A 36 3.03 -7.83 3.16
C ARG A 36 3.45 -6.61 2.34
N VAL A 37 3.36 -6.69 1.02
CA VAL A 37 3.67 -5.57 0.13
C VAL A 37 2.76 -4.39 0.48
N PRO A 38 3.22 -3.13 0.37
CA PRO A 38 4.55 -2.70 -0.10
C PRO A 38 5.57 -2.60 1.01
N TYR A 39 6.85 -2.65 0.64
CA TYR A 39 7.95 -2.41 1.57
C TYR A 39 8.33 -0.94 1.65
N GLY A 40 8.06 -0.18 0.58
CA GLY A 40 8.61 1.17 0.45
C GLY A 40 8.12 2.16 1.49
N THR A 41 6.96 1.91 2.10
CA THR A 41 6.41 2.81 3.10
C THR A 41 6.78 2.38 4.51
N LYS A 42 7.56 1.34 4.67
CA LYS A 42 7.88 0.83 6.00
C LYS A 42 9.31 1.17 6.37
N ASP A 43 9.74 0.69 7.53
CA ASP A 43 10.95 1.17 8.19
C ASP A 43 12.10 0.21 7.98
N PRO A 44 13.34 0.68 8.16
CA PRO A 44 14.52 -0.18 7.88
C PRO A 44 14.53 -1.49 8.68
N THR A 45 14.19 -1.47 9.97
CA THR A 45 14.19 -2.70 10.77
C THR A 45 13.24 -3.74 10.17
N THR A 46 11.99 -3.34 9.92
CA THR A 46 11.04 -4.27 9.32
C THR A 46 11.56 -4.83 8.00
N ILE A 47 12.06 -3.93 7.12
CA ILE A 47 12.50 -4.34 5.79
C ILE A 47 13.64 -5.35 5.88
N LYS A 48 14.60 -5.10 6.78
CA LYS A 48 15.71 -6.04 6.91
C LYS A 48 15.22 -7.42 7.32
N GLN A 49 14.29 -7.48 8.28
CA GLN A 49 13.75 -8.77 8.70
C GLN A 49 13.03 -9.45 7.56
N PHE A 50 12.26 -8.70 6.76
CA PHE A 50 11.62 -9.26 5.58
C PHE A 50 12.65 -9.92 4.65
N GLY A 51 13.78 -9.25 4.41
CA GLY A 51 14.79 -9.81 3.54
C GLY A 51 15.38 -11.09 4.07
N LEU A 52 15.73 -11.09 5.37
CA LEU A 52 16.21 -12.33 5.97
C LEU A 52 15.21 -13.46 5.80
N GLU A 53 13.92 -13.15 6.01
CA GLU A 53 12.89 -14.19 5.89
C GLU A 53 12.75 -14.69 4.47
N ALA A 54 12.92 -13.81 3.47
CA ALA A 54 12.92 -14.30 2.10
C ALA A 54 14.03 -15.33 1.88
N LEU A 55 15.18 -15.14 2.53
CA LEU A 55 16.25 -16.14 2.42
C LEU A 55 15.73 -17.53 2.80
N ASP A 56 14.97 -17.60 3.89
CA ASP A 56 14.48 -18.90 4.35
C ASP A 56 13.52 -19.52 3.36
N PHE A 57 12.81 -18.71 2.57
CA PHE A 57 11.89 -19.31 1.60
C PHE A 57 12.63 -20.09 0.54
N PHE A 58 13.75 -19.56 0.06
CA PHE A 58 14.45 -20.16 -1.07
C PHE A 58 15.29 -21.37 -0.68
N LYS A 59 15.64 -21.48 0.61
CA LYS A 59 16.44 -22.59 1.12
C LYS A 59 16.10 -23.95 0.52
N PRO A 60 14.82 -24.38 0.50
CA PRO A 60 14.50 -25.70 -0.03
C PRO A 60 14.44 -25.78 -1.55
N HIS A 61 14.54 -24.66 -2.27
CA HIS A 61 14.52 -24.72 -3.72
C HIS A 61 15.89 -24.92 -4.33
N GLU A 62 16.95 -24.86 -3.52
CA GLU A 62 18.30 -25.17 -3.97
C GLU A 62 18.67 -24.34 -5.22
N ILE A 63 18.63 -23.02 -5.06
CA ILE A 63 19.05 -22.12 -6.12
C ILE A 63 20.52 -21.81 -5.92
N GLU A 64 21.18 -21.40 -7.01
CA GLU A 64 22.59 -21.02 -6.94
C GLU A 64 22.82 -19.52 -6.96
N LEU A 65 21.78 -18.73 -7.19
CA LEU A 65 21.88 -17.27 -7.26
C LEU A 65 20.52 -16.70 -6.92
N LEU A 66 20.49 -15.65 -6.11
CA LEU A 66 19.25 -14.95 -5.78
C LEU A 66 19.32 -13.54 -6.33
N ILE A 67 18.34 -13.18 -7.17
CA ILE A 67 18.21 -11.82 -7.65
C ILE A 67 17.16 -11.13 -6.79
N VAL A 68 17.56 -10.07 -6.09
CA VAL A 68 16.63 -9.24 -5.34
C VAL A 68 16.13 -8.19 -6.34
N ALA A 69 14.99 -8.49 -6.97
CA ALA A 69 14.41 -7.57 -7.93
C ALA A 69 13.91 -6.28 -7.30
N CYS A 70 13.62 -6.30 -6.02
CA CYS A 70 13.04 -5.14 -5.34
C CYS A 70 14.12 -4.10 -5.02
N ASN A 71 13.89 -2.85 -5.47
CA ASN A 71 14.81 -1.77 -5.17
C ASN A 71 14.81 -1.44 -3.68
N THR A 72 13.64 -1.51 -3.04
CA THR A 72 13.56 -1.21 -1.61
C THR A 72 14.33 -2.24 -0.79
N ALA A 73 14.10 -3.53 -1.04
CA ALA A 73 14.88 -4.56 -0.35
C ALA A 73 16.36 -4.45 -0.70
N SER A 74 16.67 -4.13 -1.96
CA SER A 74 18.08 -3.96 -2.31
C SER A 74 18.69 -2.81 -1.53
N ALA A 75 17.90 -1.77 -1.25
CA ALA A 75 18.48 -0.60 -0.58
C ALA A 75 18.68 -0.83 0.90
N LEU A 76 17.81 -1.61 1.54
CA LEU A 76 17.79 -1.70 2.99
C LEU A 76 18.23 -3.05 3.54
N ALA A 77 18.08 -4.14 2.77
CA ALA A 77 18.27 -5.47 3.31
C ALA A 77 19.39 -6.27 2.65
N LEU A 78 19.90 -5.86 1.48
CA LEU A 78 20.77 -6.73 0.72
C LEU A 78 22.03 -7.07 1.50
N GLU A 79 22.63 -6.08 2.15
CA GLU A 79 23.80 -6.30 2.98
C GLU A 79 23.55 -7.38 4.02
N GLU A 80 22.47 -7.25 4.78
CA GLU A 80 22.18 -8.23 5.84
C GLU A 80 21.92 -9.61 5.24
N MET A 81 21.22 -9.67 4.09
CA MET A 81 20.98 -10.96 3.45
C MET A 81 22.29 -11.60 3.00
N GLN A 82 23.23 -10.81 2.47
CA GLN A 82 24.47 -11.37 1.95
C GLN A 82 25.30 -12.01 3.05
N LYS A 83 25.29 -11.42 4.25
CA LYS A 83 25.97 -11.98 5.41
C LYS A 83 25.49 -13.41 5.70
N TYR A 84 24.18 -13.56 5.94
CA TYR A 84 23.53 -14.84 6.25
C TYR A 84 23.44 -15.76 5.04
N SER A 85 24.08 -15.57 3.90
CA SER A 85 23.75 -16.37 2.72
C SER A 85 25.01 -16.93 2.08
N LYS A 86 24.94 -18.20 1.69
CA LYS A 86 26.07 -18.87 1.08
C LYS A 86 26.07 -18.79 -0.43
N ILE A 87 24.91 -18.59 -1.07
CA ILE A 87 24.89 -18.32 -2.50
C ILE A 87 24.98 -16.82 -2.72
N PRO A 88 25.42 -16.36 -3.90
CA PRO A 88 25.49 -14.92 -4.13
C PRO A 88 24.11 -14.33 -4.32
N ILE A 89 23.96 -13.08 -3.87
CA ILE A 89 22.73 -12.30 -3.99
C ILE A 89 23.06 -11.03 -4.76
N VAL A 90 22.42 -10.83 -5.90
CA VAL A 90 22.57 -9.62 -6.72
C VAL A 90 21.29 -8.78 -6.61
N GLY A 91 21.43 -7.57 -6.07
CA GLY A 91 20.36 -6.58 -6.06
C GLY A 91 20.33 -5.75 -7.33
N VAL A 92 19.39 -4.81 -7.38
CA VAL A 92 19.19 -4.00 -8.58
C VAL A 92 19.80 -2.61 -8.47
N ILE A 93 20.46 -2.28 -7.36
CA ILE A 93 21.00 -0.93 -7.25
C ILE A 93 22.40 -0.86 -7.87
N GLU A 94 23.31 -1.71 -7.40
CA GLU A 94 24.68 -1.68 -7.93
C GLU A 94 24.72 -1.86 -9.43
N PRO A 95 24.01 -2.84 -10.04
CA PRO A 95 24.01 -2.94 -11.50
C PRO A 95 23.59 -1.67 -12.21
N SER A 96 22.65 -0.90 -11.64
CA SER A 96 22.24 0.36 -12.25
C SER A 96 23.35 1.40 -12.18
N ILE A 97 24.12 1.38 -11.10
CA ILE A 97 25.26 2.28 -10.96
C ILE A 97 26.29 1.99 -12.05
N LEU A 98 26.51 0.70 -12.37
CA LEU A 98 27.44 0.35 -13.45
C LEU A 98 26.93 0.85 -14.80
N ALA A 99 25.63 0.70 -15.05
CA ALA A 99 25.07 1.18 -16.31
C ALA A 99 25.19 2.70 -16.42
N ILE A 100 25.00 3.39 -15.31
CA ILE A 100 25.17 4.85 -15.30
C ILE A 100 26.60 5.23 -15.67
N LYS A 101 27.59 4.52 -15.12
CA LYS A 101 28.97 4.77 -15.53
C LYS A 101 29.14 4.59 -17.02
N ARG A 102 28.50 3.58 -17.60
CA ARG A 102 28.71 3.32 -19.04
C ARG A 102 27.97 4.34 -19.90
N GLN A 103 26.79 4.79 -19.46
CA GLN A 103 25.96 5.63 -20.32
C GLN A 103 26.05 7.11 -19.98
N VAL A 104 26.71 7.48 -18.87
CA VAL A 104 26.69 8.87 -18.41
C VAL A 104 28.11 9.31 -18.06
N GLU A 105 28.87 9.73 -19.07
CA GLU A 105 30.28 10.03 -18.88
C GLU A 105 30.51 11.36 -18.18
N ASP A 106 29.59 12.31 -18.28
CA ASP A 106 29.75 13.62 -17.66
C ASP A 106 29.34 13.52 -16.18
N LYS A 107 30.30 13.61 -15.27
CA LYS A 107 30.01 13.50 -13.84
C LYS A 107 29.27 14.71 -13.28
N ASN A 108 29.02 15.72 -14.10
CA ASN A 108 28.22 16.87 -13.68
C ASN A 108 26.80 16.81 -14.23
N ALA A 109 26.48 15.82 -15.05
CA ALA A 109 25.13 15.72 -15.58
C ALA A 109 24.14 15.61 -14.42
N PRO A 110 23.09 16.43 -14.41
CA PRO A 110 22.08 16.33 -13.34
C PRO A 110 21.33 15.00 -13.40
N ILE A 111 21.46 14.21 -12.33
CA ILE A 111 20.80 12.92 -12.22
C ILE A 111 19.69 13.03 -11.17
N LEU A 112 18.51 12.52 -11.49
CA LEU A 112 17.37 12.45 -10.58
C LEU A 112 17.09 11.00 -10.20
N VAL A 113 17.14 10.69 -8.90
CA VAL A 113 16.78 9.35 -8.42
C VAL A 113 15.30 9.35 -8.00
N LEU A 114 14.52 8.45 -8.61
CA LEU A 114 13.13 8.20 -8.21
C LEU A 114 13.02 6.85 -7.51
N GLY A 115 12.27 6.80 -6.41
CA GLY A 115 12.09 5.54 -5.70
C GLY A 115 11.05 5.65 -4.61
N THR A 116 10.88 4.56 -3.88
CA THR A 116 10.00 4.59 -2.72
C THR A 116 10.61 5.48 -1.64
N LYS A 117 9.77 5.82 -0.65
CA LYS A 117 10.25 6.57 0.51
C LYS A 117 11.43 5.87 1.18
N ALA A 118 11.29 4.57 1.48
CA ALA A 118 12.38 3.86 2.15
C ALA A 118 13.65 3.91 1.30
N THR A 119 13.51 3.66 0.00
CA THR A 119 14.69 3.66 -0.88
C THR A 119 15.37 5.02 -0.88
N ILE A 120 14.59 6.09 -1.05
CA ILE A 120 15.14 7.44 -1.06
C ILE A 120 15.75 7.79 0.29
N GLN A 121 15.07 7.45 1.39
CA GLN A 121 15.58 7.79 2.72
C GLN A 121 16.91 7.08 3.01
N SER A 122 17.09 5.85 2.50
CA SER A 122 18.33 5.13 2.75
C SER A 122 19.53 5.79 2.08
N ASN A 123 19.31 6.57 1.04
CA ASN A 123 20.40 7.18 0.28
C ASN A 123 21.25 6.15 -0.44
N ALA A 124 20.78 4.92 -0.62
CA ALA A 124 21.59 3.92 -1.31
C ALA A 124 22.09 4.46 -2.64
N TYR A 125 21.19 5.01 -3.47
CA TYR A 125 21.57 5.47 -4.79
C TYR A 125 22.53 6.64 -4.72
N ASP A 126 22.23 7.63 -3.86
CA ASP A 126 23.04 8.83 -3.79
C ASP A 126 24.46 8.51 -3.33
N ASN A 127 24.58 7.66 -2.31
CA ASN A 127 25.90 7.30 -1.80
C ASN A 127 26.72 6.57 -2.85
N ALA A 128 26.10 5.64 -3.59
CA ALA A 128 26.86 4.90 -4.59
C ALA A 128 27.23 5.77 -5.77
N LEU A 129 26.35 6.69 -6.18
CA LEU A 129 26.72 7.62 -7.23
C LEU A 129 27.86 8.53 -6.78
N LYS A 130 27.82 9.00 -5.54
CA LYS A 130 28.86 9.90 -5.08
C LYS A 130 30.21 9.20 -5.03
N GLN A 131 30.23 7.94 -4.59
CA GLN A 131 31.46 7.18 -4.56
C GLN A 131 32.03 6.95 -5.97
N GLN A 132 31.21 7.09 -7.02
CA GLN A 132 31.70 6.94 -8.39
C GLN A 132 32.00 8.27 -9.09
N GLY A 133 31.93 9.38 -8.36
CA GLY A 133 32.36 10.68 -8.86
C GLY A 133 31.26 11.66 -9.22
N TYR A 134 29.99 11.27 -9.18
CA TYR A 134 28.94 12.16 -9.67
C TYR A 134 28.69 13.28 -8.67
N LEU A 135 28.52 14.49 -9.17
CA LEU A 135 28.45 15.66 -8.30
C LEU A 135 27.15 16.43 -8.35
N ASN A 136 26.19 16.00 -9.16
CA ASN A 136 24.92 16.73 -9.36
C ASN A 136 23.77 15.72 -9.26
N ILE A 137 23.48 15.28 -8.04
CA ILE A 137 22.50 14.21 -7.78
C ILE A 137 21.31 14.80 -7.04
N SER A 138 20.10 14.50 -7.53
CA SER A 138 18.85 14.84 -6.86
C SER A 138 18.04 13.56 -6.64
N HIS A 139 17.17 13.58 -5.63
CA HIS A 139 16.36 12.42 -5.33
C HIS A 139 14.94 12.84 -4.95
N LEU A 140 13.98 11.96 -5.25
CA LEU A 140 12.57 12.25 -5.06
C LEU A 140 11.84 10.97 -4.72
N ALA A 141 11.18 10.94 -3.57
CA ALA A 141 10.29 9.83 -3.25
C ALA A 141 8.99 10.04 -4.00
N THR A 142 8.68 9.16 -4.96
CA THR A 142 7.40 9.26 -5.65
C THR A 142 6.46 8.15 -5.20
N SER A 143 6.13 8.15 -3.90
CA SER A 143 5.48 6.99 -3.29
C SER A 143 4.19 6.61 -4.02
N LEU A 144 3.37 7.60 -4.39
CA LEU A 144 2.05 7.25 -4.89
C LEU A 144 2.08 6.58 -6.26
N PHE A 145 3.22 6.60 -6.96
CA PHE A 145 3.30 5.91 -8.25
C PHE A 145 3.04 4.42 -8.07
N VAL A 146 3.45 3.84 -6.94
CA VAL A 146 3.34 2.40 -6.74
C VAL A 146 1.86 2.02 -6.73
N PRO A 147 1.04 2.56 -5.83
CA PRO A 147 -0.38 2.18 -5.85
C PRO A 147 -1.09 2.55 -7.15
N LEU A 148 -0.74 3.68 -7.76
CA LEU A 148 -1.35 4.03 -9.05
C LEU A 148 -1.07 2.95 -10.10
N ILE A 149 0.20 2.58 -10.25
CA ILE A 149 0.52 1.55 -11.24
C ILE A 149 -0.13 0.24 -10.87
N GLU A 150 -0.14 -0.11 -9.60
CA GLU A 150 -0.74 -1.39 -9.24
C GLU A 150 -2.24 -1.40 -9.53
N GLU A 151 -2.89 -0.24 -9.55
CA GLU A 151 -4.27 -0.16 -10.02
C GLU A 151 -4.38 0.00 -11.52
N SER A 152 -3.27 -0.11 -12.26
CA SER A 152 -3.31 -0.04 -13.72
C SER A 152 -3.66 1.38 -14.20
N ILE A 153 -3.32 2.39 -13.43
CA ILE A 153 -3.54 3.77 -13.87
C ILE A 153 -2.24 4.20 -14.54
N LEU A 154 -2.11 3.85 -15.81
CA LEU A 154 -0.90 4.07 -16.58
C LEU A 154 -1.00 5.24 -17.54
N GLU A 155 -2.12 5.96 -17.55
CA GLU A 155 -2.31 7.17 -18.33
C GLU A 155 -3.53 7.89 -17.79
N GLY A 156 -3.77 9.09 -18.31
CA GLY A 156 -4.94 9.87 -17.93
C GLY A 156 -4.60 11.00 -16.97
N GLU A 157 -5.61 11.78 -16.61
CA GLU A 157 -5.33 12.96 -15.82
C GLU A 157 -4.95 12.64 -14.38
N LEU A 158 -5.33 11.48 -13.86
CA LEU A 158 -4.91 11.15 -12.50
C LEU A 158 -3.39 10.92 -12.45
N LEU A 159 -2.87 10.09 -13.34
CA LEU A 159 -1.42 9.91 -13.40
C LEU A 159 -0.71 11.22 -13.68
N GLU A 160 -1.20 11.98 -14.66
CA GLU A 160 -0.58 13.26 -14.98
C GLU A 160 -0.54 14.16 -13.76
N THR A 161 -1.67 14.30 -13.07
CA THR A 161 -1.71 15.12 -11.87
C THR A 161 -0.79 14.58 -10.77
N CYS A 162 -0.66 13.27 -10.67
CA CYS A 162 0.28 12.73 -9.69
C CYS A 162 1.70 13.13 -10.05
N MET A 163 2.04 13.06 -11.35
CA MET A 163 3.40 13.39 -11.77
C MET A 163 3.71 14.86 -11.50
N HIS A 164 2.78 15.75 -11.91
CA HIS A 164 2.93 17.17 -11.64
C HIS A 164 3.09 17.44 -10.16
N TYR A 165 2.37 16.71 -9.31
CA TYR A 165 2.49 16.90 -7.88
C TYR A 165 3.92 16.62 -7.41
N TYR A 166 4.50 15.51 -7.86
CA TYR A 166 5.86 15.19 -7.43
C TYR A 166 6.90 16.06 -8.14
N PHE A 167 6.69 16.40 -9.41
CA PHE A 167 7.76 16.98 -10.20
C PHE A 167 7.79 18.51 -10.17
N THR A 168 6.66 19.17 -9.93
CA THR A 168 6.64 20.62 -9.94
C THR A 168 7.66 21.26 -9.00
N PRO A 169 7.94 20.70 -7.82
CA PRO A 169 8.94 21.34 -6.93
C PRO A 169 10.39 21.19 -7.41
N LEU A 170 10.67 20.43 -8.46
CA LEU A 170 12.04 20.09 -8.82
C LEU A 170 12.87 21.35 -9.08
N GLU A 171 13.96 21.52 -8.32
CA GLU A 171 14.85 22.65 -8.55
C GLU A 171 15.61 22.49 -9.88
N ILE A 172 16.24 21.33 -10.07
CA ILE A 172 17.09 21.09 -11.23
C ILE A 172 16.32 20.29 -12.27
N LEU A 173 16.56 20.60 -13.54
CA LEU A 173 15.96 19.86 -14.64
C LEU A 173 16.86 18.68 -14.98
N PRO A 174 16.38 17.43 -14.85
CA PRO A 174 17.31 16.28 -14.91
C PRO A 174 17.70 15.92 -16.34
N GLU A 175 18.96 15.52 -16.47
CA GLU A 175 19.45 14.89 -17.69
C GLU A 175 19.26 13.39 -17.66
N VAL A 176 19.34 12.80 -16.47
CA VAL A 176 19.20 11.36 -16.25
C VAL A 176 18.20 11.14 -15.14
N ILE A 177 17.32 10.17 -15.31
CA ILE A 177 16.33 9.81 -14.29
C ILE A 177 16.48 8.32 -14.01
N ILE A 178 16.74 7.98 -12.75
CA ILE A 178 16.88 6.58 -12.37
C ILE A 178 15.51 6.04 -11.92
N LEU A 179 15.02 5.03 -12.62
CA LEU A 179 13.76 4.36 -12.24
C LEU A 179 14.07 3.38 -11.11
N GLY A 180 14.31 3.95 -9.93
CA GLY A 180 14.78 3.15 -8.81
C GLY A 180 13.67 2.45 -8.05
N CYS A 181 12.72 1.84 -8.79
CA CYS A 181 11.59 1.12 -8.20
C CYS A 181 11.05 0.17 -9.26
N THR A 182 10.67 -1.05 -8.84
CA THR A 182 10.18 -2.07 -9.78
C THR A 182 9.03 -1.57 -10.65
N HIS A 183 8.18 -0.69 -10.11
CA HIS A 183 6.95 -0.32 -10.81
C HIS A 183 7.18 0.70 -11.92
N PHE A 184 8.19 1.54 -11.79
CA PHE A 184 8.24 2.76 -12.60
C PHE A 184 8.45 2.53 -14.11
N PRO A 185 9.08 1.44 -14.55
CA PRO A 185 9.14 1.19 -16.01
C PRO A 185 7.78 1.21 -16.70
N LEU A 186 6.70 0.87 -15.99
CA LEU A 186 5.40 0.83 -16.66
C LEU A 186 4.87 2.22 -17.01
N ILE A 187 5.50 3.29 -16.51
CA ILE A 187 5.10 4.65 -16.84
C ILE A 187 6.31 5.44 -17.34
N ALA A 188 7.32 4.72 -17.85
CA ALA A 188 8.55 5.37 -18.30
C ALA A 188 8.26 6.39 -19.41
N GLN A 189 7.54 5.95 -20.46
CA GLN A 189 7.16 6.87 -21.53
C GLN A 189 6.45 8.11 -20.98
N LYS A 190 5.55 7.92 -20.01
CA LYS A 190 4.79 9.05 -19.50
C LYS A 190 5.69 10.02 -18.71
N ILE A 191 6.66 9.47 -17.97
CA ILE A 191 7.61 10.33 -17.28
C ILE A 191 8.42 11.15 -18.28
N GLU A 192 8.89 10.49 -19.34
CA GLU A 192 9.57 11.20 -20.42
C GLU A 192 8.71 12.31 -20.97
N GLY A 193 7.48 11.95 -21.36
CA GLY A 193 6.57 12.94 -21.92
C GLY A 193 6.38 14.13 -21.00
N TYR A 194 6.35 13.89 -19.70
CA TYR A 194 6.15 15.01 -18.77
C TYR A 194 7.27 16.01 -18.91
N PHE A 195 8.51 15.54 -18.93
CA PHE A 195 9.64 16.47 -18.92
C PHE A 195 9.80 17.16 -20.26
N MET A 196 9.58 16.44 -21.36
CA MET A 196 9.59 17.06 -22.67
C MET A 196 8.50 18.13 -22.77
N GLY A 197 7.30 17.82 -22.28
CA GLY A 197 6.17 18.74 -22.44
C GLY A 197 6.22 19.93 -21.49
N HIS A 198 6.66 19.70 -20.25
CA HIS A 198 6.64 20.77 -19.27
C HIS A 198 7.85 21.70 -19.37
N PHE A 199 8.97 21.20 -19.89
CA PHE A 199 10.13 22.02 -20.15
C PHE A 199 10.41 22.03 -21.65
N ALA A 200 11.15 23.04 -22.11
CA ALA A 200 11.50 23.15 -23.51
C ALA A 200 12.61 22.14 -23.82
N LEU A 201 12.20 20.87 -23.88
CA LEU A 201 13.15 19.77 -24.08
C LEU A 201 12.85 19.06 -25.39
N PRO A 202 13.70 19.19 -26.41
CA PRO A 202 13.46 18.43 -27.65
C PRO A 202 13.48 16.93 -27.44
N THR A 203 14.54 16.39 -26.83
CA THR A 203 14.65 14.99 -26.48
C THR A 203 14.39 14.81 -24.99
N PRO A 204 14.01 13.60 -24.58
CA PRO A 204 13.68 13.37 -23.18
C PRO A 204 14.92 13.06 -22.37
N PRO A 205 14.84 13.18 -21.04
CA PRO A 205 15.94 12.70 -20.20
C PRO A 205 16.21 11.23 -20.47
N LEU A 206 17.41 10.79 -20.13
CA LEU A 206 17.74 9.37 -20.22
C LEU A 206 17.23 8.66 -18.97
N LEU A 207 16.52 7.55 -19.16
CA LEU A 207 15.93 6.78 -18.07
C LEU A 207 16.71 5.48 -17.89
N ILE A 208 17.17 5.22 -16.67
CA ILE A 208 17.88 3.99 -16.33
C ILE A 208 16.87 2.99 -15.79
N HIS A 209 16.78 1.83 -16.43
CA HIS A 209 15.79 0.81 -16.07
C HIS A 209 16.50 -0.32 -15.32
N SER A 210 16.00 -0.66 -14.13
CA SER A 210 16.72 -1.56 -13.24
C SER A 210 16.85 -2.96 -13.83
N GLY A 211 15.82 -3.44 -14.52
CA GLY A 211 15.90 -4.77 -15.10
C GLY A 211 16.92 -4.87 -16.23
N ASP A 212 16.95 -3.88 -17.11
CA ASP A 212 17.93 -3.89 -18.18
C ASP A 212 19.35 -3.81 -17.62
N ALA A 213 19.55 -3.05 -16.54
CA ALA A 213 20.88 -2.91 -15.98
C ALA A 213 21.35 -4.20 -15.31
N ILE A 214 20.47 -4.87 -14.55
CA ILE A 214 20.94 -6.09 -13.91
C ILE A 214 21.27 -7.14 -14.95
N VAL A 215 20.52 -7.16 -16.06
CA VAL A 215 20.78 -8.12 -17.12
C VAL A 215 22.16 -7.87 -17.73
N GLU A 216 22.48 -6.61 -18.01
CA GLU A 216 23.82 -6.28 -18.56
C GLU A 216 24.88 -6.78 -17.59
N TYR A 217 24.76 -6.41 -16.32
CA TYR A 217 25.69 -6.91 -15.31
C TYR A 217 25.80 -8.43 -15.38
N LEU A 218 24.65 -9.11 -15.28
CA LEU A 218 24.67 -10.56 -15.21
C LEU A 218 25.28 -11.18 -16.46
N GLN A 219 25.12 -10.52 -17.62
CA GLN A 219 25.71 -11.04 -18.85
C GLN A 219 27.23 -10.90 -18.84
N GLN A 220 27.76 -9.89 -18.17
CA GLN A 220 29.19 -9.76 -17.96
C GLN A 220 29.72 -10.68 -16.86
N LYS A 221 28.99 -11.73 -16.50
CA LYS A 221 29.41 -12.62 -15.40
C LYS A 221 29.04 -14.08 -15.65
N TYR A 222 28.04 -14.34 -16.48
CA TYR A 222 27.58 -15.69 -16.74
C TYR A 222 27.54 -15.91 -18.26
N ALA A 223 27.11 -17.10 -18.67
CA ALA A 223 27.24 -17.55 -20.05
C ALA A 223 25.93 -17.34 -20.84
N LEU A 224 26.04 -17.44 -22.15
CA LEU A 224 24.89 -17.27 -23.05
C LEU A 224 24.22 -18.60 -23.38
N PHE A 231 13.61 -21.74 -23.65
CA PHE A 231 12.75 -20.82 -22.89
C PHE A 231 12.61 -21.28 -21.45
N PRO A 232 13.02 -20.42 -20.51
CA PRO A 232 13.19 -20.85 -19.11
C PRO A 232 11.88 -21.26 -18.47
N LYS A 233 11.98 -22.23 -17.55
CA LYS A 233 10.88 -22.58 -16.66
C LYS A 233 10.76 -21.55 -15.55
N VAL A 234 9.51 -21.25 -15.14
CA VAL A 234 9.25 -20.24 -14.11
C VAL A 234 8.27 -20.80 -13.09
N GLU A 235 8.67 -20.83 -11.82
CA GLU A 235 7.78 -21.17 -10.71
C GLU A 235 7.37 -19.87 -10.01
N PHE A 236 6.06 -19.73 -9.76
CA PHE A 236 5.51 -18.56 -9.09
C PHE A 236 5.06 -18.94 -7.69
N HIS A 237 5.62 -18.28 -6.68
CA HIS A 237 5.23 -18.44 -5.28
C HIS A 237 4.87 -17.09 -4.68
N ALA A 238 3.97 -17.11 -3.70
CA ALA A 238 3.56 -15.86 -3.05
C ALA A 238 3.21 -16.12 -1.60
N SER A 239 3.44 -15.12 -0.76
CA SER A 239 2.92 -15.17 0.60
C SER A 239 1.42 -14.92 0.63
N GLY A 240 0.89 -14.17 -0.35
CA GLY A 240 -0.52 -14.01 -0.53
C GLY A 240 -1.07 -15.11 -1.42
N ASP A 241 -2.24 -14.85 -2.00
CA ASP A 241 -2.83 -15.79 -2.94
C ASP A 241 -1.96 -15.91 -4.18
N VAL A 242 -1.41 -17.10 -4.43
CA VAL A 242 -0.50 -17.27 -5.56
C VAL A 242 -1.24 -17.10 -6.88
N ILE A 243 -2.53 -17.45 -6.91
CA ILE A 243 -3.31 -17.28 -8.14
C ILE A 243 -3.43 -15.80 -8.48
N TRP A 244 -3.69 -14.96 -7.47
CA TRP A 244 -3.73 -13.51 -7.71
C TRP A 244 -2.41 -13.02 -8.28
N LEU A 245 -1.31 -13.51 -7.72
CA LEU A 245 0.00 -13.09 -8.20
C LEU A 245 0.22 -13.54 -9.64
N GLU A 246 -0.20 -14.77 -9.98
CA GLU A 246 -0.03 -15.28 -11.33
C GLU A 246 -0.88 -14.50 -12.32
N ARG A 247 -2.12 -14.20 -11.95
CA ARG A 247 -2.95 -13.35 -12.80
C ARG A 247 -2.24 -12.03 -13.06
N GLN A 248 -1.62 -11.45 -12.02
CA GLN A 248 -0.82 -10.24 -12.21
C GLN A 248 0.33 -10.49 -13.20
N ALA A 249 1.03 -11.61 -13.04
CA ALA A 249 2.19 -11.89 -13.89
C ALA A 249 1.83 -11.82 -15.37
N LYS A 250 0.71 -12.44 -15.75
CA LYS A 250 0.34 -12.46 -17.15
C LYS A 250 0.29 -11.05 -17.71
N GLU A 251 -0.20 -10.09 -16.93
CA GLU A 251 -0.34 -8.72 -17.42
C GLU A 251 1.00 -7.98 -17.42
N TRP A 252 1.82 -8.18 -16.39
CA TRP A 252 3.08 -7.46 -16.32
C TRP A 252 4.04 -7.92 -17.41
N LEU A 253 4.09 -9.24 -17.66
CA LEU A 253 5.02 -9.81 -18.63
C LEU A 253 4.58 -9.61 -20.09
N LYS A 254 3.48 -8.90 -20.35
CA LYS A 254 3.12 -8.56 -21.72
C LYS A 254 4.25 -7.80 -22.40
N MET B 1 -12.35 -1.07 33.23
CA MET B 1 -12.42 -1.97 32.08
C MET B 1 -11.29 -1.69 31.07
N LYS B 2 -10.74 -2.77 30.52
CA LYS B 2 -9.57 -2.71 29.66
C LYS B 2 -9.87 -3.45 28.37
N ILE B 3 -9.65 -2.78 27.22
CA ILE B 3 -10.04 -3.32 25.93
C ILE B 3 -8.86 -3.28 24.96
N GLY B 4 -9.03 -4.01 23.86
CA GLY B 4 -8.08 -3.99 22.76
C GLY B 4 -8.70 -3.30 21.56
N VAL B 5 -7.87 -2.61 20.78
CA VAL B 5 -8.28 -2.06 19.49
C VAL B 5 -7.31 -2.58 18.44
N PHE B 6 -7.83 -3.29 17.44
CA PHE B 6 -7.00 -3.86 16.38
C PHE B 6 -7.26 -3.16 15.06
N ASP B 7 -6.17 -2.82 14.36
CA ASP B 7 -6.24 -2.27 13.01
C ASP B 7 -5.03 -2.74 12.19
N SER B 8 -5.16 -2.66 10.86
CA SER B 8 -4.06 -3.03 9.99
C SER B 8 -2.86 -2.10 10.16
N GLY B 9 -3.08 -0.87 10.59
CA GLY B 9 -1.96 0.03 10.83
C GLY B 9 -2.34 1.26 11.65
N VAL B 10 -2.33 2.43 11.01
CA VAL B 10 -2.66 3.67 11.69
C VAL B 10 -4.07 4.18 11.38
N GLY B 11 -4.75 3.60 10.38
CA GLY B 11 -6.11 4.02 10.12
C GLY B 11 -6.98 3.94 11.35
N GLY B 12 -6.80 2.87 12.14
CA GLY B 12 -7.58 2.68 13.36
C GLY B 12 -7.59 3.86 14.31
N PHE B 13 -6.62 4.77 14.17
CA PHE B 13 -6.64 5.96 15.01
C PHE B 13 -7.91 6.79 14.81
N SER B 14 -8.61 6.65 13.68
CA SER B 14 -9.87 7.40 13.56
C SER B 14 -10.94 6.82 14.46
N VAL B 15 -10.87 5.50 14.74
CA VAL B 15 -11.76 4.88 15.72
C VAL B 15 -11.30 5.22 17.13
N LEU B 16 -9.99 5.12 17.37
CA LEU B 16 -9.46 5.46 18.70
C LEU B 16 -9.81 6.89 19.07
N LYS B 17 -9.76 7.81 18.11
CA LYS B 17 -10.15 9.18 18.39
C LYS B 17 -11.58 9.25 18.94
N SER B 18 -12.51 8.54 18.30
CA SER B 18 -13.90 8.57 18.77
C SER B 18 -14.01 7.97 20.17
N LEU B 19 -13.32 6.86 20.43
CA LEU B 19 -13.33 6.24 21.75
C LEU B 19 -12.79 7.19 22.80
N LEU B 20 -11.67 7.86 22.49
CA LEU B 20 -11.08 8.77 23.47
C LEU B 20 -12.00 9.93 23.78
N LYS B 21 -12.64 10.48 22.75
CA LYS B 21 -13.56 11.58 22.93
C LYS B 21 -14.72 11.18 23.82
N ALA B 22 -15.25 9.97 23.63
CA ALA B 22 -16.37 9.47 24.41
C ALA B 22 -15.98 9.08 25.83
N ARG B 23 -14.69 9.02 26.16
CA ARG B 23 -14.22 8.59 27.47
C ARG B 23 -14.99 7.36 27.96
N LEU B 24 -14.85 6.27 27.21
CA LEU B 24 -15.57 5.06 27.55
C LEU B 24 -14.76 4.10 28.40
N PHE B 25 -13.43 4.02 28.19
CA PHE B 25 -12.61 2.97 28.76
C PHE B 25 -11.40 3.55 29.49
N ASP B 26 -11.02 2.90 30.60
CA ASP B 26 -9.88 3.33 31.38
C ASP B 26 -8.56 2.96 30.71
N GLU B 27 -8.54 1.83 30.01
CA GLU B 27 -7.32 1.24 29.50
C GLU B 27 -7.57 0.69 28.11
N ILE B 28 -6.70 1.03 27.17
CA ILE B 28 -6.85 0.60 25.79
C ILE B 28 -5.51 0.14 25.27
N ILE B 29 -5.46 -1.07 24.74
CA ILE B 29 -4.29 -1.60 24.07
C ILE B 29 -4.55 -1.53 22.58
N TYR B 30 -3.89 -0.59 21.90
CA TYR B 30 -3.95 -0.46 20.45
C TYR B 30 -2.85 -1.28 19.80
N TYR B 31 -3.23 -2.12 18.84
CA TYR B 31 -2.27 -2.89 18.05
C TYR B 31 -2.49 -2.60 16.58
N GLY B 32 -1.46 -2.09 15.91
CA GLY B 32 -1.50 -1.89 14.48
C GLY B 32 -0.54 -2.80 13.73
N ASP B 33 -1.05 -3.59 12.79
CA ASP B 33 -0.23 -4.52 12.02
C ASP B 33 0.55 -3.80 10.90
N SER B 34 1.28 -2.73 11.26
CA SER B 34 1.88 -1.82 10.30
C SER B 34 2.98 -2.45 9.43
N ALA B 35 3.49 -3.62 9.81
CA ALA B 35 4.43 -4.30 8.93
C ALA B 35 3.76 -4.84 7.68
N ARG B 36 2.46 -5.12 7.73
CA ARG B 36 1.76 -5.79 6.65
C ARG B 36 0.67 -4.96 5.98
N VAL B 37 0.33 -3.80 6.54
CA VAL B 37 -0.66 -2.89 5.95
C VAL B 37 -0.28 -2.59 4.50
N PRO B 38 -1.25 -2.43 3.56
CA PRO B 38 -2.73 -2.47 3.71
C PRO B 38 -3.31 -3.87 3.56
N TYR B 39 -4.42 -4.14 4.24
CA TYR B 39 -5.14 -5.39 4.05
C TYR B 39 -6.08 -5.34 2.85
N GLY B 40 -6.55 -4.15 2.48
CA GLY B 40 -7.69 -4.02 1.59
C GLY B 40 -7.41 -4.38 0.15
N THR B 41 -6.15 -4.41 -0.25
CA THR B 41 -5.82 -4.87 -1.58
C THR B 41 -5.50 -6.36 -1.62
N LYS B 42 -5.62 -7.06 -0.49
CA LYS B 42 -5.23 -8.45 -0.42
C LYS B 42 -6.47 -9.35 -0.46
N ASP B 43 -6.25 -10.65 -0.30
CA ASP B 43 -7.23 -11.68 -0.62
C ASP B 43 -7.86 -12.22 0.64
N PRO B 44 -9.07 -12.78 0.55
CA PRO B 44 -9.78 -13.19 1.77
C PRO B 44 -9.01 -14.21 2.61
N THR B 45 -8.35 -15.18 1.96
CA THR B 45 -7.53 -16.13 2.71
C THR B 45 -6.51 -15.42 3.59
N THR B 46 -5.73 -14.50 2.99
CA THR B 46 -4.68 -13.81 3.74
C THR B 46 -5.26 -13.00 4.90
N ILE B 47 -6.37 -12.30 4.69
CA ILE B 47 -6.90 -11.40 5.70
C ILE B 47 -7.44 -12.18 6.90
N LYS B 48 -8.12 -13.30 6.65
CA LYS B 48 -8.64 -14.10 7.76
C LYS B 48 -7.50 -14.58 8.65
N GLN B 49 -6.40 -15.04 8.02
CA GLN B 49 -5.22 -15.43 8.79
C GLN B 49 -4.68 -14.26 9.60
N PHE B 50 -4.59 -13.08 8.96
CA PHE B 50 -4.20 -11.87 9.69
C PHE B 50 -5.09 -11.67 10.92
N GLY B 51 -6.40 -11.88 10.77
CA GLY B 51 -7.30 -11.68 11.89
C GLY B 51 -7.00 -12.65 13.03
N LEU B 52 -6.84 -13.93 12.70
CA LEU B 52 -6.57 -14.91 13.75
C LEU B 52 -5.27 -14.59 14.48
N GLU B 53 -4.24 -14.17 13.74
CA GLU B 53 -2.99 -13.81 14.39
C GLU B 53 -3.14 -12.59 15.30
N ALA B 54 -4.01 -11.64 14.93
CA ALA B 54 -4.30 -10.53 15.82
C ALA B 54 -4.78 -11.02 17.18
N LEU B 55 -5.50 -12.14 17.23
CA LEU B 55 -5.99 -12.64 18.50
C LEU B 55 -4.85 -13.10 19.40
N ASP B 56 -3.89 -13.83 18.82
CA ASP B 56 -2.72 -14.24 19.60
C ASP B 56 -2.02 -13.04 20.23
N PHE B 57 -2.00 -11.90 19.54
CA PHE B 57 -1.31 -10.74 20.10
C PHE B 57 -1.96 -10.31 21.42
N PHE B 58 -3.29 -10.30 21.47
CA PHE B 58 -3.93 -9.74 22.66
C PHE B 58 -3.99 -10.71 23.84
N LYS B 59 -3.66 -11.99 23.64
CA LYS B 59 -3.76 -13.01 24.68
C LYS B 59 -3.08 -12.58 25.99
N PRO B 60 -1.78 -12.25 25.98
CA PRO B 60 -1.11 -11.86 27.24
C PRO B 60 -1.66 -10.58 27.88
N HIS B 61 -2.55 -9.85 27.21
CA HIS B 61 -2.92 -8.54 27.71
C HIS B 61 -4.17 -8.55 28.56
N GLU B 62 -4.94 -9.63 28.50
CA GLU B 62 -6.07 -9.79 29.40
C GLU B 62 -7.09 -8.68 29.16
N ILE B 63 -7.47 -8.50 27.90
CA ILE B 63 -8.50 -7.53 27.55
C ILE B 63 -9.86 -8.17 27.75
N GLU B 64 -10.88 -7.33 27.97
CA GLU B 64 -12.24 -7.84 28.18
C GLU B 64 -13.08 -7.82 26.92
N LEU B 65 -12.60 -7.13 25.88
CA LEU B 65 -13.34 -6.85 24.66
C LEU B 65 -12.32 -6.42 23.61
N LEU B 66 -12.48 -6.94 22.39
CA LEU B 66 -11.65 -6.51 21.28
C LEU B 66 -12.51 -5.72 20.32
N ILE B 67 -12.10 -4.49 20.01
CA ILE B 67 -12.70 -3.72 18.94
C ILE B 67 -11.83 -3.92 17.71
N VAL B 68 -12.42 -4.48 16.64
CA VAL B 68 -11.72 -4.58 15.37
C VAL B 68 -12.01 -3.29 14.63
N ALA B 69 -11.08 -2.32 14.73
CA ALA B 69 -11.35 -1.02 14.17
C ALA B 69 -11.29 -1.03 12.64
N CYS B 70 -10.64 -2.02 12.05
CA CYS B 70 -10.42 -2.07 10.60
C CYS B 70 -11.67 -2.59 9.89
N ASN B 71 -12.15 -1.83 8.92
CA ASN B 71 -13.32 -2.27 8.14
C ASN B 71 -13.02 -3.52 7.32
N THR B 72 -11.81 -3.61 6.75
CA THR B 72 -11.45 -4.79 5.95
C THR B 72 -11.41 -6.04 6.83
N ALA B 73 -10.76 -5.96 7.99
CA ALA B 73 -10.77 -7.15 8.87
C ALA B 73 -12.17 -7.41 9.43
N SER B 74 -12.94 -6.36 9.70
CA SER B 74 -14.33 -6.55 10.12
C SER B 74 -15.11 -7.32 9.06
N ALA B 75 -14.84 -7.04 7.79
CA ALA B 75 -15.62 -7.62 6.71
C ALA B 75 -15.20 -9.04 6.37
N LEU B 76 -13.91 -9.37 6.49
CA LEU B 76 -13.45 -10.69 6.06
C LEU B 76 -13.14 -11.63 7.21
N ALA B 77 -12.68 -11.12 8.36
CA ALA B 77 -12.12 -11.99 9.38
C ALA B 77 -12.94 -12.07 10.66
N LEU B 78 -13.95 -11.22 10.84
CA LEU B 78 -14.57 -11.13 12.16
C LEU B 78 -15.26 -12.44 12.55
N GLU B 79 -15.93 -13.09 11.60
CA GLU B 79 -16.64 -14.33 11.91
C GLU B 79 -15.67 -15.37 12.44
N GLU B 80 -14.52 -15.51 11.77
CA GLU B 80 -13.53 -16.50 12.19
C GLU B 80 -12.91 -16.12 13.54
N MET B 81 -12.58 -14.84 13.73
CA MET B 81 -12.02 -14.47 15.03
C MET B 81 -13.01 -14.75 16.16
N GLN B 82 -14.31 -14.55 15.92
CA GLN B 82 -15.27 -14.78 17.00
C GLN B 82 -15.45 -16.27 17.29
N LYS B 83 -15.22 -17.12 16.29
CA LYS B 83 -15.22 -18.56 16.51
C LYS B 83 -14.19 -18.97 17.56
N TYR B 84 -13.08 -18.26 17.65
CA TYR B 84 -11.97 -18.72 18.48
C TYR B 84 -11.72 -17.81 19.67
N SER B 85 -12.68 -16.97 20.03
CA SER B 85 -12.49 -16.00 21.11
C SER B 85 -13.55 -16.20 22.17
N LYS B 86 -13.12 -16.25 23.44
CA LYS B 86 -14.07 -16.25 24.55
C LYS B 86 -14.51 -14.84 24.93
N ILE B 87 -13.71 -13.83 24.62
CA ILE B 87 -14.07 -12.43 24.86
C ILE B 87 -14.84 -11.91 23.65
N PRO B 88 -15.82 -11.02 23.84
CA PRO B 88 -16.58 -10.49 22.70
C PRO B 88 -15.68 -9.64 21.80
N ILE B 89 -15.78 -9.87 20.49
CA ILE B 89 -15.12 -9.03 19.48
C ILE B 89 -16.19 -8.23 18.77
N VAL B 90 -15.99 -6.92 18.66
CA VAL B 90 -16.91 -6.02 17.98
C VAL B 90 -16.19 -5.38 16.80
N GLY B 91 -16.72 -5.60 15.59
CA GLY B 91 -16.22 -4.93 14.40
C GLY B 91 -16.99 -3.64 14.14
N VAL B 92 -16.61 -2.98 13.05
CA VAL B 92 -17.15 -1.66 12.75
C VAL B 92 -18.16 -1.68 11.62
N ILE B 93 -18.56 -2.86 11.16
CA ILE B 93 -19.63 -2.91 10.16
C ILE B 93 -21.00 -2.94 10.83
N GLU B 94 -21.26 -3.92 11.70
CA GLU B 94 -22.57 -3.99 12.34
C GLU B 94 -22.98 -2.69 13.03
N PRO B 95 -22.12 -2.03 13.82
CA PRO B 95 -22.54 -0.75 14.43
C PRO B 95 -23.00 0.28 13.41
N SER B 96 -22.38 0.30 12.21
CA SER B 96 -22.78 1.26 11.18
C SER B 96 -24.16 0.97 10.62
N ILE B 97 -24.54 -0.32 10.54
CA ILE B 97 -25.87 -0.66 10.09
C ILE B 97 -26.91 -0.13 11.07
N LEU B 98 -26.64 -0.26 12.38
CA LEU B 98 -27.55 0.29 13.39
C LEU B 98 -27.65 1.80 13.28
N ALA B 99 -26.50 2.47 13.07
CA ALA B 99 -26.50 3.92 12.87
C ALA B 99 -27.43 4.32 11.73
N ILE B 100 -27.40 3.57 10.63
CA ILE B 100 -28.26 3.87 9.48
C ILE B 100 -29.71 3.59 9.82
N LYS B 101 -30.01 2.43 10.42
CA LYS B 101 -31.38 2.16 10.83
C LYS B 101 -31.92 3.28 11.71
N ARG B 102 -31.07 3.83 12.56
CA ARG B 102 -31.51 4.87 13.48
C ARG B 102 -31.77 6.19 12.76
N GLN B 103 -31.08 6.45 11.66
CA GLN B 103 -31.05 7.79 11.07
C GLN B 103 -31.75 7.87 9.71
N VAL B 104 -32.00 6.75 9.05
CA VAL B 104 -32.52 6.74 7.69
C VAL B 104 -33.82 5.95 7.72
N GLU B 105 -34.94 6.67 7.82
CA GLU B 105 -36.27 6.05 7.88
C GLU B 105 -36.72 5.53 6.53
N ASP B 106 -36.41 6.26 5.45
CA ASP B 106 -36.86 5.90 4.10
C ASP B 106 -36.07 4.71 3.56
N LYS B 107 -36.77 3.64 3.23
CA LYS B 107 -36.13 2.44 2.69
C LYS B 107 -35.61 2.63 1.26
N ASN B 108 -36.08 3.64 0.54
CA ASN B 108 -35.61 3.87 -0.82
C ASN B 108 -34.45 4.87 -0.89
N ALA B 109 -34.04 5.44 0.23
CA ALA B 109 -32.96 6.41 0.22
C ALA B 109 -31.70 5.78 -0.39
N PRO B 110 -31.08 6.43 -1.37
CA PRO B 110 -29.87 5.82 -1.99
C PRO B 110 -28.70 5.89 -1.02
N ILE B 111 -28.10 4.73 -0.76
CA ILE B 111 -26.95 4.60 0.13
C ILE B 111 -25.76 4.19 -0.73
N LEU B 112 -24.63 4.87 -0.55
CA LEU B 112 -23.39 4.56 -1.26
C LEU B 112 -22.36 4.06 -0.24
N VAL B 113 -21.87 2.85 -0.45
CA VAL B 113 -20.83 2.25 0.38
C VAL B 113 -19.47 2.47 -0.29
N LEU B 114 -18.56 3.15 0.41
CA LEU B 114 -17.18 3.30 -0.01
C LEU B 114 -16.29 2.45 0.91
N GLY B 115 -15.31 1.76 0.32
CA GLY B 115 -14.39 0.98 1.13
C GLY B 115 -13.24 0.46 0.29
N THR B 116 -12.40 -0.37 0.92
CA THR B 116 -11.32 -0.98 0.17
C THR B 116 -11.91 -1.96 -0.85
N LYS B 117 -11.06 -2.41 -1.78
CA LYS B 117 -11.47 -3.44 -2.74
C LYS B 117 -11.95 -4.69 -2.02
N ALA B 118 -11.21 -5.15 -1.00
CA ALA B 118 -11.65 -6.34 -0.29
C ALA B 118 -12.95 -6.09 0.49
N THR B 119 -13.08 -4.94 1.14
CA THR B 119 -14.33 -4.67 1.86
C THR B 119 -15.50 -4.70 0.88
N ILE B 120 -15.33 -4.07 -0.28
CA ILE B 120 -16.43 -3.96 -1.22
C ILE B 120 -16.74 -5.32 -1.83
N GLN B 121 -15.69 -6.06 -2.19
CA GLN B 121 -15.85 -7.39 -2.79
C GLN B 121 -16.65 -8.31 -1.87
N SER B 122 -16.44 -8.24 -0.56
CA SER B 122 -17.13 -9.11 0.38
C SER B 122 -18.65 -8.88 0.41
N ASN B 123 -19.12 -7.70 0.02
CA ASN B 123 -20.55 -7.36 0.11
C ASN B 123 -21.08 -7.34 1.54
N ALA B 124 -20.19 -7.20 2.51
CA ALA B 124 -20.63 -7.24 3.91
C ALA B 124 -21.62 -6.12 4.21
N TYR B 125 -21.41 -4.93 3.65
CA TYR B 125 -22.34 -3.83 3.89
C TYR B 125 -23.65 -4.04 3.14
N ASP B 126 -23.59 -4.34 1.84
CA ASP B 126 -24.80 -4.53 1.05
C ASP B 126 -25.69 -5.63 1.63
N ASN B 127 -25.10 -6.76 2.03
CA ASN B 127 -25.90 -7.85 2.56
C ASN B 127 -26.61 -7.45 3.85
N ALA B 128 -25.91 -6.77 4.77
CA ALA B 128 -26.56 -6.34 6.01
C ALA B 128 -27.62 -5.30 5.75
N LEU B 129 -27.39 -4.43 4.76
CA LEU B 129 -28.37 -3.39 4.45
C LEU B 129 -29.62 -4.00 3.81
N LYS B 130 -29.43 -4.92 2.87
CA LYS B 130 -30.59 -5.57 2.26
C LYS B 130 -31.40 -6.33 3.31
N GLN B 131 -30.73 -6.98 4.26
CA GLN B 131 -31.45 -7.74 5.30
C GLN B 131 -32.37 -6.80 6.09
N GLN B 132 -31.97 -5.54 6.26
CA GLN B 132 -32.78 -4.59 7.02
C GLN B 132 -33.80 -3.86 6.17
N GLY B 133 -33.92 -4.19 4.89
CA GLY B 133 -34.98 -3.64 4.06
C GLY B 133 -34.58 -2.50 3.15
N TYR B 134 -33.31 -2.11 3.11
CA TYR B 134 -32.90 -1.02 2.24
C TYR B 134 -32.84 -1.50 0.79
N LEU B 135 -33.44 -0.72 -0.09
CA LEU B 135 -33.68 -1.13 -1.47
C LEU B 135 -32.73 -0.52 -2.47
N ASN B 136 -32.07 0.58 -2.12
CA ASN B 136 -31.27 1.37 -3.05
C ASN B 136 -29.84 1.45 -2.54
N ILE B 137 -29.04 0.42 -2.84
CA ILE B 137 -27.68 0.27 -2.32
C ILE B 137 -26.71 0.27 -3.49
N SER B 138 -25.69 1.12 -3.43
CA SER B 138 -24.57 1.09 -4.36
C SER B 138 -23.27 0.97 -3.57
N HIS B 139 -22.22 0.49 -4.23
CA HIS B 139 -20.94 0.34 -3.57
C HIS B 139 -19.83 0.71 -4.54
N LEU B 140 -18.70 1.14 -3.97
CA LEU B 140 -17.58 1.60 -4.78
C LEU B 140 -16.30 1.42 -3.98
N ALA B 141 -15.39 0.63 -4.54
CA ALA B 141 -14.03 0.52 -4.00
C ALA B 141 -13.26 1.76 -4.40
N THR B 142 -12.82 2.54 -3.42
CA THR B 142 -12.02 3.72 -3.69
C THR B 142 -10.62 3.46 -3.13
N SER B 143 -9.91 2.54 -3.77
CA SER B 143 -8.67 2.00 -3.21
C SER B 143 -7.63 3.08 -2.93
N LEU B 144 -7.43 3.99 -3.89
CA LEU B 144 -6.31 4.94 -3.81
C LEU B 144 -6.49 5.98 -2.71
N PHE B 145 -7.70 6.17 -2.18
CA PHE B 145 -7.89 7.08 -1.06
C PHE B 145 -6.95 6.70 0.09
N VAL B 146 -6.71 5.42 0.31
CA VAL B 146 -5.90 4.96 1.45
C VAL B 146 -4.45 5.45 1.33
N PRO B 147 -3.71 5.17 0.25
CA PRO B 147 -2.35 5.71 0.18
C PRO B 147 -2.30 7.23 0.09
N LEU B 148 -3.26 7.87 -0.59
CA LEU B 148 -3.30 9.33 -0.59
C LEU B 148 -3.41 9.87 0.83
N ILE B 149 -4.32 9.31 1.62
CA ILE B 149 -4.51 9.83 2.97
C ILE B 149 -3.28 9.55 3.83
N GLU B 150 -2.65 8.38 3.63
CA GLU B 150 -1.47 8.09 4.43
C GLU B 150 -0.31 9.01 4.08
N GLU B 151 -0.28 9.54 2.86
CA GLU B 151 0.66 10.58 2.46
C GLU B 151 0.23 11.97 2.92
N SER B 152 -0.85 12.07 3.67
CA SER B 152 -1.37 13.37 4.12
C SER B 152 -1.80 14.24 2.93
N ILE B 153 -2.35 13.60 1.89
CA ILE B 153 -2.88 14.35 0.74
C ILE B 153 -4.37 14.55 1.01
N LEU B 154 -4.68 15.53 1.84
CA LEU B 154 -6.03 15.75 2.33
C LEU B 154 -6.74 16.92 1.65
N GLU B 155 -6.12 17.49 0.62
CA GLU B 155 -6.75 18.56 -0.15
C GLU B 155 -5.92 18.76 -1.40
N GLY B 156 -6.43 19.59 -2.31
CA GLY B 156 -5.67 19.94 -3.49
C GLY B 156 -6.10 19.17 -4.71
N GLU B 157 -5.41 19.50 -5.80
CA GLU B 157 -5.77 19.00 -7.12
C GLU B 157 -5.69 17.48 -7.20
N LEU B 158 -4.68 16.89 -6.57
CA LEU B 158 -4.49 15.44 -6.67
C LEU B 158 -5.65 14.69 -6.02
N LEU B 159 -6.01 15.06 -4.78
CA LEU B 159 -7.18 14.47 -4.14
C LEU B 159 -8.45 14.71 -4.96
N GLU B 160 -8.69 15.95 -5.40
CA GLU B 160 -9.87 16.24 -6.21
C GLU B 160 -9.89 15.39 -7.48
N THR B 161 -8.74 15.22 -8.13
CA THR B 161 -8.70 14.38 -9.32
C THR B 161 -8.97 12.93 -8.96
N CYS B 162 -8.49 12.47 -7.81
CA CYS B 162 -8.77 11.09 -7.42
C CYS B 162 -10.25 10.89 -7.15
N MET B 163 -10.90 11.85 -6.47
CA MET B 163 -12.33 11.75 -6.19
C MET B 163 -13.12 11.68 -7.50
N HIS B 164 -12.83 12.61 -8.42
CA HIS B 164 -13.53 12.61 -9.70
C HIS B 164 -13.35 11.29 -10.42
N TYR B 165 -12.13 10.75 -10.41
CA TYR B 165 -11.89 9.47 -11.06
C TYR B 165 -12.81 8.39 -10.52
N TYR B 166 -12.99 8.34 -9.20
CA TYR B 166 -13.82 7.29 -8.62
C TYR B 166 -15.30 7.59 -8.73
N PHE B 167 -15.69 8.86 -8.61
CA PHE B 167 -17.09 9.21 -8.47
C PHE B 167 -17.78 9.49 -9.81
N THR B 168 -17.03 9.83 -10.84
CA THR B 168 -17.66 10.16 -12.13
C THR B 168 -18.58 9.08 -12.68
N PRO B 169 -18.24 7.80 -12.64
CA PRO B 169 -19.15 6.78 -13.19
C PRO B 169 -20.37 6.50 -12.31
N LEU B 170 -20.56 7.27 -11.25
CA LEU B 170 -21.67 7.03 -10.33
C LEU B 170 -23.01 7.23 -11.05
N GLU B 171 -23.87 6.22 -10.96
CA GLU B 171 -25.22 6.36 -11.49
C GLU B 171 -26.10 7.14 -10.51
N ILE B 172 -26.02 6.80 -9.23
CA ILE B 172 -26.97 7.21 -8.22
C ILE B 172 -26.50 8.46 -7.50
N LEU B 173 -27.44 9.23 -6.99
CA LEU B 173 -27.15 10.41 -6.21
C LEU B 173 -27.40 10.08 -4.74
N PRO B 174 -26.37 9.91 -3.92
CA PRO B 174 -26.59 9.34 -2.58
C PRO B 174 -27.17 10.36 -1.61
N GLU B 175 -28.10 9.89 -0.78
CA GLU B 175 -28.45 10.59 0.44
C GLU B 175 -27.61 10.15 1.63
N VAL B 176 -26.96 8.99 1.54
CA VAL B 176 -26.15 8.41 2.60
C VAL B 176 -24.87 7.89 1.97
N ILE B 177 -23.74 8.13 2.64
CA ILE B 177 -22.44 7.63 2.21
C ILE B 177 -21.79 6.97 3.42
N ILE B 178 -21.56 5.66 3.33
CA ILE B 178 -20.87 4.95 4.39
C ILE B 178 -19.37 5.10 4.17
N LEU B 179 -18.68 5.68 5.16
CA LEU B 179 -17.20 5.73 5.14
C LEU B 179 -16.68 4.39 5.64
N GLY B 180 -16.78 3.38 4.78
CA GLY B 180 -16.51 2.01 5.17
C GLY B 180 -15.03 1.64 5.19
N CYS B 181 -14.21 2.52 5.76
CA CYS B 181 -12.76 2.37 5.79
C CYS B 181 -12.21 3.34 6.82
N THR B 182 -11.26 2.87 7.63
CA THR B 182 -10.67 3.70 8.67
C THR B 182 -10.18 5.05 8.17
N HIS B 183 -9.70 5.12 6.94
CA HIS B 183 -9.02 6.34 6.52
C HIS B 183 -10.00 7.44 6.09
N PHE B 184 -11.19 7.07 5.65
CA PHE B 184 -12.01 8.01 4.90
C PHE B 184 -12.53 9.18 5.73
N PRO B 185 -12.72 9.04 7.05
CA PRO B 185 -13.09 10.22 7.85
C PRO B 185 -12.17 11.41 7.66
N LEU B 186 -10.88 11.18 7.38
CA LEU B 186 -9.95 12.30 7.24
C LEU B 186 -10.26 13.17 6.01
N ILE B 187 -11.02 12.66 5.04
CA ILE B 187 -11.44 13.43 3.89
C ILE B 187 -12.96 13.56 3.81
N ALA B 188 -13.66 13.39 4.95
CA ALA B 188 -15.12 13.45 4.95
C ALA B 188 -15.62 14.78 4.36
N GLN B 189 -15.05 15.90 4.83
CA GLN B 189 -15.47 17.22 4.34
C GLN B 189 -15.30 17.34 2.84
N LYS B 190 -14.17 16.82 2.32
CA LYS B 190 -13.91 16.88 0.88
C LYS B 190 -14.89 16.01 0.10
N ILE B 191 -15.26 14.86 0.65
CA ILE B 191 -16.25 14.03 -0.02
C ILE B 191 -17.62 14.73 -0.03
N GLU B 192 -18.02 15.33 1.10
CA GLU B 192 -19.27 16.10 1.12
C GLU B 192 -19.23 17.21 0.08
N GLY B 193 -18.13 17.97 0.09
CA GLY B 193 -18.00 19.06 -0.86
C GLY B 193 -18.07 18.58 -2.30
N TYR B 194 -17.49 17.42 -2.59
CA TYR B 194 -17.57 16.89 -3.95
C TYR B 194 -19.03 16.66 -4.36
N PHE B 195 -19.78 15.94 -3.54
CA PHE B 195 -21.14 15.59 -3.94
C PHE B 195 -22.09 16.80 -3.94
N MET B 196 -21.89 17.77 -3.04
CA MET B 196 -22.74 18.97 -3.06
C MET B 196 -22.54 19.75 -4.34
N GLY B 197 -21.28 19.90 -4.75
CA GLY B 197 -20.97 20.56 -6.02
C GLY B 197 -21.57 19.84 -7.22
N HIS B 198 -21.22 18.58 -7.42
CA HIS B 198 -21.55 17.92 -8.67
C HIS B 198 -23.03 17.50 -8.77
N PHE B 199 -23.78 17.51 -7.67
CA PHE B 199 -25.22 17.29 -7.78
C PHE B 199 -26.05 18.46 -7.24
N ALA B 200 -25.43 19.64 -7.07
CA ALA B 200 -26.14 20.85 -6.65
C ALA B 200 -27.04 20.60 -5.43
N LEU B 201 -26.45 20.03 -4.38
CA LEU B 201 -27.25 19.70 -3.20
C LEU B 201 -27.33 20.89 -2.24
N PRO B 202 -28.49 21.08 -1.58
CA PRO B 202 -28.60 22.18 -0.59
C PRO B 202 -27.92 21.84 0.73
N THR B 203 -27.84 20.56 1.05
CA THR B 203 -27.19 20.07 2.26
C THR B 203 -26.35 18.85 1.90
N PRO B 204 -25.34 18.52 2.71
CA PRO B 204 -24.48 17.39 2.34
C PRO B 204 -25.20 16.08 2.54
N PRO B 205 -24.79 15.02 1.84
CA PRO B 205 -25.24 13.67 2.21
C PRO B 205 -24.93 13.38 3.65
N LEU B 206 -25.62 12.41 4.24
CA LEU B 206 -25.28 11.95 5.58
C LEU B 206 -24.10 11.00 5.47
N LEU B 207 -22.96 11.35 6.08
CA LEU B 207 -21.80 10.48 6.13
C LEU B 207 -21.83 9.63 7.39
N ILE B 208 -21.70 8.31 7.23
CA ILE B 208 -21.67 7.39 8.36
C ILE B 208 -20.21 7.13 8.72
N HIS B 209 -19.82 7.57 9.90
CA HIS B 209 -18.46 7.47 10.41
C HIS B 209 -18.37 6.22 11.31
N SER B 210 -17.48 5.28 10.93
CA SER B 210 -17.35 4.01 11.64
C SER B 210 -17.05 4.21 13.12
N GLY B 211 -16.15 5.16 13.43
CA GLY B 211 -15.77 5.36 14.82
C GLY B 211 -16.93 5.86 15.66
N ASP B 212 -17.68 6.82 15.12
CA ASP B 212 -18.83 7.36 15.83
C ASP B 212 -19.91 6.30 15.99
N ALA B 213 -20.11 5.44 14.98
CA ALA B 213 -21.13 4.40 15.06
C ALA B 213 -20.79 3.36 16.12
N ILE B 214 -19.51 2.98 16.24
CA ILE B 214 -19.15 1.97 17.24
C ILE B 214 -19.28 2.55 18.65
N VAL B 215 -18.90 3.82 18.84
CA VAL B 215 -19.10 4.46 20.13
C VAL B 215 -20.58 4.41 20.53
N GLU B 216 -21.46 4.81 19.62
CA GLU B 216 -22.89 4.80 19.93
C GLU B 216 -23.35 3.38 20.22
N TYR B 217 -22.85 2.41 19.46
CA TYR B 217 -23.25 1.03 19.65
C TYR B 217 -22.82 0.52 21.03
N LEU B 218 -21.55 0.75 21.40
CA LEU B 218 -21.05 0.27 22.68
C LEU B 218 -21.78 0.92 23.85
N GLN B 219 -22.18 2.20 23.71
CA GLN B 219 -22.91 2.87 24.77
C GLN B 219 -24.30 2.26 24.95
N GLN B 220 -25.02 2.08 23.84
CA GLN B 220 -26.33 1.42 23.93
C GLN B 220 -26.19 0.01 24.46
N LYS B 221 -25.18 -0.73 24.01
CA LYS B 221 -25.11 -2.14 24.34
C LYS B 221 -24.48 -2.41 25.71
N TYR B 222 -23.64 -1.52 26.21
CA TYR B 222 -23.01 -1.76 27.50
C TYR B 222 -23.36 -0.72 28.54
N ALA B 223 -24.32 0.16 28.25
CA ALA B 223 -24.75 1.22 29.16
C ALA B 223 -23.55 1.87 29.85
N LEU B 224 -22.66 2.44 29.05
CA LEU B 224 -21.47 3.12 29.63
C LEU B 224 -21.81 4.60 29.85
N PRO B 232 -7.84 8.37 30.23
CA PRO B 232 -7.60 6.99 29.80
C PRO B 232 -6.14 6.74 29.46
N LYS B 233 -5.70 5.50 29.63
CA LYS B 233 -4.34 5.10 29.31
C LYS B 233 -4.38 4.27 28.03
N VAL B 234 -3.69 4.74 26.99
CA VAL B 234 -3.45 3.98 25.78
C VAL B 234 -2.00 3.56 25.75
N GLU B 235 -1.76 2.29 25.44
CA GLU B 235 -0.44 1.89 25.01
C GLU B 235 -0.52 1.42 23.56
N PHE B 236 0.50 1.77 22.79
CA PHE B 236 0.52 1.50 21.36
C PHE B 236 1.47 0.35 21.06
N HIS B 237 1.04 -0.59 20.22
CA HIS B 237 1.89 -1.67 19.74
C HIS B 237 1.75 -1.79 18.24
N ALA B 238 2.82 -2.24 17.60
CA ALA B 238 2.89 -2.33 16.15
C ALA B 238 3.74 -3.52 15.78
N SER B 239 3.43 -4.12 14.63
CA SER B 239 4.32 -5.12 14.07
C SER B 239 5.47 -4.47 13.29
N GLY B 240 5.29 -3.25 12.79
CA GLY B 240 6.38 -2.44 12.29
C GLY B 240 6.98 -1.63 13.42
N ASP B 241 7.75 -0.61 13.05
CA ASP B 241 8.33 0.26 14.06
C ASP B 241 7.27 0.96 14.91
N VAL B 242 7.22 0.65 16.21
CA VAL B 242 6.19 1.27 17.05
C VAL B 242 6.42 2.76 17.20
N ILE B 243 7.66 3.23 17.08
CA ILE B 243 7.90 4.68 17.14
C ILE B 243 7.25 5.38 15.95
N TRP B 244 7.31 4.77 14.76
CA TRP B 244 6.65 5.37 13.60
C TRP B 244 5.14 5.43 13.80
N LEU B 245 4.58 4.39 14.41
CA LEU B 245 3.13 4.36 14.62
C LEU B 245 2.70 5.41 15.65
N GLU B 246 3.46 5.57 16.73
CA GLU B 246 3.13 6.61 17.71
C GLU B 246 3.28 8.01 17.14
N ARG B 247 4.28 8.23 16.29
CA ARG B 247 4.38 9.51 15.58
C ARG B 247 3.10 9.80 14.79
N GLN B 248 2.59 8.78 14.09
CA GLN B 248 1.33 8.91 13.39
C GLN B 248 0.18 9.19 14.36
N ALA B 249 0.19 8.52 15.52
CA ALA B 249 -0.87 8.72 16.50
C ALA B 249 -1.03 10.19 16.86
N LYS B 250 0.09 10.92 17.00
CA LYS B 250 -0.02 12.33 17.33
C LYS B 250 -0.81 13.07 16.26
N GLU B 251 -0.56 12.75 15.00
CA GLU B 251 -1.19 13.48 13.90
C GLU B 251 -2.65 13.09 13.73
N TRP B 252 -2.96 11.79 13.80
CA TRP B 252 -4.32 11.32 13.61
C TRP B 252 -5.23 11.70 14.77
N LEU B 253 -4.70 11.78 15.98
CA LEU B 253 -5.54 11.97 17.17
C LEU B 253 -5.77 13.44 17.48
N LYS B 254 -5.33 14.33 16.60
CA LYS B 254 -5.68 15.76 16.62
C LYS B 254 -4.54 16.55 17.21
#